data_8QE2
#
_entry.id   8QE2
#
_cell.length_a   68.160
_cell.length_b   94.010
_cell.length_c   116.647
_cell.angle_alpha   90.00
_cell.angle_beta   90.00
_cell.angle_gamma   90.00
#
_symmetry.space_group_name_H-M   'I 2 2 2'
#
loop_
_entity.id
_entity.type
_entity.pdbx_description
1 polymer 'S-adenosylmethionine synthase isoform type-2'
2 non-polymer 4-[4-[bis(fluoranyl)methoxy]phenyl]-3-cyclopropyl-6-(2-methylindazol-5-yl)-2~{H}-pyrazolo[4,3-b]pyridin-5-one
3 non-polymer S-ADENOSYLMETHIONINE
4 water water
#
_entity_poly.entity_id   1
_entity_poly.type   'polypeptide(L)'
_entity_poly.pdbx_seq_one_letter_code
;QSMNGQLNGFHEAFIEEGTFLFTSESVGEGHPDKICDQISDAVLDAHLQQDPDAKVACETVAKTGMILLAGEITSRAAVD
YQKVVREAVKHIGYDDSSKGFDYKTCNVLVALEQQSPDIAQGVHLDRNEEDIGAGDQGLMFGYATDETEECMPLTIVLAH
KLNAKLAELRRNGTLPWLRPDSKTQVTVQYMQDRGAVLPIRVHTIVISVQHDEEVCLDEMRDALKEKVIKAVVPAKYLDE
DTIYHLQPSGRFVIGGPQGDAGLTGRKIIVDTYGGWGAHGGGAFSGKDYTKVDRSAAYAARWVAKSLVKGGLCRRVLVQV
SYAIGVSHPLSISIFHYGTSQKSERELLEIVKKNFDLRPGVIVRDLDLKKPIYQRTAAYGHFGRDSFPWEVPKKLKY
;
_entity_poly.pdbx_strand_id   A
#
# COMPACT_ATOMS: atom_id res chain seq x y z
N GLU A 16 -18.74 22.58 12.39
CA GLU A 16 -18.26 23.84 12.98
C GLU A 16 -17.21 24.51 12.10
N GLU A 17 -17.09 25.84 12.21
CA GLU A 17 -16.11 26.61 11.44
C GLU A 17 -14.70 26.14 11.75
N GLY A 18 -13.90 25.97 10.71
CA GLY A 18 -12.54 25.48 10.89
C GLY A 18 -12.46 23.96 10.91
N THR A 19 -13.58 23.26 10.67
CA THR A 19 -13.59 21.80 10.58
C THR A 19 -13.96 21.34 9.19
N PHE A 20 -13.60 20.09 8.85
CA PHE A 20 -13.94 19.52 7.56
C PHE A 20 -13.97 18.00 7.67
N LEU A 21 -14.61 17.37 6.69
CA LEU A 21 -14.64 15.92 6.63
C LEU A 21 -13.61 15.39 5.64
N PHE A 22 -13.08 14.22 5.93
CA PHE A 22 -12.21 13.53 4.97
C PHE A 22 -12.51 12.05 5.06
N THR A 23 -12.57 11.37 3.91
CA THR A 23 -12.86 9.94 3.85
C THR A 23 -11.71 9.19 3.20
N SER A 24 -11.37 8.02 3.78
CA SER A 24 -10.42 7.09 3.15
C SER A 24 -10.99 5.68 3.23
N GLU A 25 -10.53 4.78 2.35
CA GLU A 25 -10.94 3.39 2.39
C GLU A 25 -9.73 2.47 2.47
N SER A 26 -10.01 1.22 2.81
CA SER A 26 -9.01 0.17 2.73
C SER A 26 -9.74 -1.11 2.30
N VAL A 27 -8.97 -2.14 1.94
CA VAL A 27 -9.54 -3.42 1.55
C VAL A 27 -8.78 -4.56 2.23
N GLY A 28 -9.41 -5.72 2.29
CA GLY A 28 -8.78 -6.86 2.93
C GLY A 28 -7.86 -7.64 2.02
N GLU A 29 -7.23 -8.65 2.61
CA GLU A 29 -6.27 -9.49 1.89
C GLU A 29 -6.91 -10.27 0.76
N GLY A 30 -8.21 -10.58 0.88
CA GLY A 30 -8.90 -11.31 -0.17
C GLY A 30 -9.67 -10.47 -1.13
N HIS A 31 -9.57 -9.13 -1.04
CA HIS A 31 -10.15 -8.27 -2.07
C HIS A 31 -9.40 -8.62 -3.39
N PRO A 32 -10.07 -8.81 -4.52
CA PRO A 32 -9.39 -9.37 -5.71
C PRO A 32 -8.20 -8.55 -6.21
N ASP A 33 -8.27 -7.22 -6.11
CA ASP A 33 -7.13 -6.39 -6.51
C ASP A 33 -5.97 -6.65 -5.56
N LYS A 34 -6.25 -6.72 -4.25
CA LYS A 34 -5.22 -6.99 -3.26
C LYS A 34 -4.63 -8.37 -3.41
N ILE A 35 -5.43 -9.36 -3.83
CA ILE A 35 -4.89 -10.71 -4.11
C ILE A 35 -3.79 -10.60 -5.17
N CYS A 36 -4.07 -9.81 -6.22
CA CYS A 36 -3.11 -9.61 -7.28
C CYS A 36 -1.84 -8.94 -6.79
N ASP A 37 -1.96 -7.89 -5.99
CA ASP A 37 -0.77 -7.22 -5.44
C ASP A 37 0.08 -8.21 -4.62
N GLN A 38 -0.57 -9.03 -3.77
CA GLN A 38 0.16 -9.97 -2.96
C GLN A 38 0.82 -11.03 -3.80
N ILE A 39 0.16 -11.54 -4.84
CA ILE A 39 0.79 -12.55 -5.70
C ILE A 39 1.95 -11.94 -6.47
N SER A 40 1.77 -10.73 -7.02
CA SER A 40 2.87 -10.06 -7.72
C SER A 40 4.11 -9.92 -6.82
N ASP A 41 3.88 -9.56 -5.54
CA ASP A 41 4.99 -9.41 -4.61
C ASP A 41 5.53 -10.74 -4.10
N ALA A 42 4.69 -11.79 -4.06
CA ALA A 42 5.22 -13.13 -3.73
C ALA A 42 6.17 -13.59 -4.85
N VAL A 43 5.84 -13.29 -6.10
CA VAL A 43 6.70 -13.63 -7.24
C VAL A 43 8.01 -12.83 -7.16
N LEU A 44 7.91 -11.51 -6.87
CA LEU A 44 9.11 -10.69 -6.71
C LEU A 44 10.01 -11.25 -5.61
N ASP A 45 9.44 -11.55 -4.44
CA ASP A 45 10.22 -12.08 -3.32
C ASP A 45 10.86 -13.41 -3.69
N ALA A 46 10.14 -14.28 -4.39
CA ALA A 46 10.70 -15.58 -4.78
C ALA A 46 11.94 -15.40 -5.66
N HIS A 47 11.88 -14.43 -6.57
CA HIS A 47 13.05 -14.14 -7.39
C HIS A 47 14.19 -13.57 -6.55
N LEU A 48 13.90 -12.59 -5.70
CA LEU A 48 14.95 -11.92 -4.91
C LEU A 48 15.62 -12.85 -3.92
N GLN A 49 14.92 -13.91 -3.47
CA GLN A 49 15.54 -14.89 -2.57
C GLN A 49 16.71 -15.58 -3.25
N GLN A 50 16.69 -15.74 -4.57
CA GLN A 50 17.76 -16.40 -5.29
C GLN A 50 18.66 -15.44 -6.06
N ASP A 51 18.10 -14.35 -6.54
CA ASP A 51 18.83 -13.37 -7.35
C ASP A 51 18.48 -11.99 -6.87
N PRO A 52 19.33 -11.37 -6.03
CA PRO A 52 19.04 -10.03 -5.51
C PRO A 52 18.90 -8.97 -6.60
N ASP A 53 19.48 -9.21 -7.79
CA ASP A 53 19.41 -8.28 -8.88
C ASP A 53 18.38 -8.66 -9.93
N ALA A 54 17.39 -9.50 -9.57
CA ALA A 54 16.33 -9.84 -10.54
C ALA A 54 15.60 -8.58 -11.01
N LYS A 55 15.29 -8.51 -12.32
CA LYS A 55 14.51 -7.43 -12.91
C LYS A 55 13.11 -8.00 -13.05
N VAL A 56 12.16 -7.46 -12.28
CA VAL A 56 10.82 -8.02 -12.17
C VAL A 56 9.78 -6.97 -12.45
N ALA A 57 8.80 -7.32 -13.29
CA ALA A 57 7.67 -6.47 -13.64
C ALA A 57 6.48 -7.40 -13.82
N CYS A 58 5.99 -7.94 -12.72
CA CYS A 58 4.99 -9.00 -12.73
C CYS A 58 3.60 -8.51 -12.43
N GLU A 59 2.75 -8.39 -13.44
CA GLU A 59 1.35 -8.08 -13.23
C GLU A 59 0.57 -9.37 -12.95
N THR A 60 -0.47 -9.28 -12.12
CA THR A 60 -1.36 -10.40 -11.86
C THR A 60 -2.79 -9.97 -12.16
N VAL A 61 -3.56 -10.90 -12.73
CA VAL A 61 -4.98 -10.72 -13.00
C VAL A 61 -5.70 -11.88 -12.37
N ALA A 62 -6.83 -11.58 -11.73
CA ALA A 62 -7.63 -12.62 -11.09
C ALA A 62 -9.07 -12.53 -11.49
N LYS A 63 -9.65 -13.65 -11.90
CA LYS A 63 -11.08 -13.73 -12.17
C LYS A 63 -11.48 -15.12 -11.73
N THR A 64 -12.76 -15.48 -11.78
CA THR A 64 -13.22 -16.81 -11.32
C THR A 64 -12.29 -17.94 -11.78
N GLY A 65 -11.72 -18.64 -10.81
CA GLY A 65 -10.87 -19.78 -11.08
C GLY A 65 -9.55 -19.51 -11.72
N MET A 66 -9.12 -18.25 -11.86
CA MET A 66 -7.93 -17.94 -12.64
C MET A 66 -7.03 -16.94 -11.98
N ILE A 67 -5.73 -17.27 -11.93
CA ILE A 67 -4.65 -16.32 -11.66
C ILE A 67 -3.81 -16.33 -12.93
N LEU A 68 -3.67 -15.17 -13.58
CA LEU A 68 -2.79 -15.04 -14.72
C LEU A 68 -1.64 -14.09 -14.33
N LEU A 69 -0.41 -14.48 -14.62
CA LEU A 69 0.78 -13.65 -14.47
C LEU A 69 1.17 -13.13 -15.86
N ALA A 70 1.31 -11.84 -16.01
CA ALA A 70 1.69 -11.24 -17.29
C ALA A 70 2.75 -10.18 -17.03
N GLY A 71 3.82 -10.18 -17.81
CA GLY A 71 4.86 -9.20 -17.59
C GLY A 71 6.21 -9.69 -18.00
N GLU A 72 7.23 -9.10 -17.37
CA GLU A 72 8.60 -9.26 -17.78
C GLU A 72 9.51 -9.52 -16.61
N ILE A 73 10.27 -10.62 -16.68
CA ILE A 73 11.22 -10.94 -15.62
C ILE A 73 12.51 -11.42 -16.26
N THR A 74 13.64 -10.83 -15.88
CA THR A 74 14.96 -11.34 -16.25
C THR A 74 15.68 -11.61 -14.93
N SER A 75 15.99 -12.86 -14.67
CA SER A 75 16.47 -13.29 -13.39
C SER A 75 17.21 -14.60 -13.51
N ARG A 76 18.20 -14.80 -12.63
CA ARG A 76 18.91 -16.07 -12.55
C ARG A 76 18.17 -17.08 -11.65
N ALA A 77 17.08 -16.67 -11.00
CA ALA A 77 16.35 -17.58 -10.12
C ALA A 77 15.60 -18.65 -10.90
N ALA A 78 15.36 -19.78 -10.27
CA ALA A 78 14.49 -20.84 -10.81
C ALA A 78 13.24 -20.81 -9.91
N VAL A 79 12.16 -20.22 -10.39
CA VAL A 79 10.94 -20.05 -9.60
C VAL A 79 9.82 -20.93 -10.11
N ASP A 80 9.18 -21.64 -9.20
CA ASP A 80 8.03 -22.48 -9.50
C ASP A 80 6.79 -21.60 -9.32
N TYR A 81 6.33 -20.98 -10.42
CA TYR A 81 5.19 -20.05 -10.35
C TYR A 81 3.94 -20.70 -9.83
N GLN A 82 3.69 -21.98 -10.18
CA GLN A 82 2.50 -22.67 -9.69
C GLN A 82 2.51 -22.72 -8.17
N LYS A 83 3.63 -23.11 -7.58
CA LYS A 83 3.76 -23.19 -6.14
C LYS A 83 3.68 -21.83 -5.46
N VAL A 84 4.38 -20.82 -6.01
CA VAL A 84 4.38 -19.50 -5.40
C VAL A 84 3.01 -18.88 -5.39
N VAL A 85 2.32 -18.95 -6.54
CA VAL A 85 0.97 -18.40 -6.62
C VAL A 85 0.02 -19.11 -5.66
N ARG A 86 0.02 -20.44 -5.68
CA ARG A 86 -0.92 -21.19 -4.86
C ARG A 86 -0.68 -20.99 -3.39
N GLU A 87 0.59 -20.90 -2.97
CA GLU A 87 0.89 -20.66 -1.57
C GLU A 87 0.40 -19.27 -1.14
N ALA A 88 0.49 -18.25 -2.01
CA ALA A 88 0.01 -16.92 -1.65
C ALA A 88 -1.51 -16.94 -1.46
N VAL A 89 -2.23 -17.63 -2.36
CA VAL A 89 -3.69 -17.73 -2.26
C VAL A 89 -4.11 -18.50 -1.01
N LYS A 90 -3.38 -19.56 -0.68
CA LYS A 90 -3.62 -20.32 0.55
C LYS A 90 -3.49 -19.41 1.79
N HIS A 91 -2.45 -18.59 1.84
CA HIS A 91 -2.23 -17.68 2.96
C HIS A 91 -3.41 -16.72 3.14
N ILE A 92 -3.91 -16.21 2.04
CA ILE A 92 -5.04 -15.28 2.02
C ILE A 92 -6.30 -15.93 2.61
N GLY A 93 -6.47 -17.23 2.37
CA GLY A 93 -7.59 -17.97 2.93
C GLY A 93 -8.55 -18.55 1.93
N TYR A 94 -8.25 -18.46 0.61
CA TYR A 94 -9.15 -19.03 -0.41
C TYR A 94 -8.76 -20.48 -0.64
N ASP A 95 -9.39 -21.38 0.10
CA ASP A 95 -9.01 -22.79 0.15
C ASP A 95 -10.16 -23.74 -0.05
N ASP A 96 -11.25 -23.30 -0.65
CA ASP A 96 -12.38 -24.19 -0.88
C ASP A 96 -13.33 -23.58 -1.85
N SER A 97 -13.92 -24.43 -2.69
CA SER A 97 -14.86 -23.94 -3.69
C SER A 97 -16.09 -23.27 -3.04
N SER A 98 -16.43 -23.62 -1.79
CA SER A 98 -17.55 -22.96 -1.10
C SER A 98 -17.28 -21.47 -0.89
N LYS A 99 -16.00 -21.07 -0.78
CA LYS A 99 -15.60 -19.68 -0.57
C LYS A 99 -15.49 -18.89 -1.87
N GLY A 100 -15.62 -19.56 -3.00
CA GLY A 100 -15.57 -18.95 -4.32
C GLY A 100 -14.23 -19.05 -5.02
N PHE A 101 -13.20 -19.58 -4.35
CA PHE A 101 -11.86 -19.65 -4.92
C PHE A 101 -11.07 -20.63 -4.07
N ASP A 102 -10.22 -21.43 -4.73
CA ASP A 102 -9.44 -22.44 -4.03
C ASP A 102 -8.05 -22.52 -4.63
N TYR A 103 -7.00 -22.25 -3.81
CA TYR A 103 -5.64 -22.34 -4.29
C TYR A 103 -5.29 -23.73 -4.80
N LYS A 104 -5.93 -24.78 -4.28
CA LYS A 104 -5.55 -26.13 -4.70
C LYS A 104 -5.97 -26.41 -6.13
N THR A 105 -7.08 -25.83 -6.59
CA THR A 105 -7.74 -26.24 -7.83
C THR A 105 -7.94 -25.13 -8.85
N CYS A 106 -7.50 -23.93 -8.58
CA CYS A 106 -7.61 -22.84 -9.55
C CYS A 106 -6.62 -23.05 -10.71
N ASN A 107 -6.87 -22.31 -11.79
CA ASN A 107 -5.98 -22.27 -12.94
C ASN A 107 -4.94 -21.21 -12.67
N VAL A 108 -3.68 -21.55 -12.93
CA VAL A 108 -2.57 -20.59 -12.89
C VAL A 108 -1.96 -20.57 -14.29
N LEU A 109 -2.06 -19.42 -14.94
CA LEU A 109 -1.59 -19.22 -16.32
C LEU A 109 -0.44 -18.24 -16.29
N VAL A 110 0.60 -18.50 -17.08
CA VAL A 110 1.80 -17.66 -17.07
C VAL A 110 2.13 -17.14 -18.45
N ALA A 111 2.20 -15.81 -18.60
CA ALA A 111 2.57 -15.12 -19.83
C ALA A 111 3.71 -14.17 -19.48
N LEU A 112 4.86 -14.73 -19.09
CA LEU A 112 6.02 -13.95 -18.64
C LEU A 112 7.13 -14.10 -19.63
N GLU A 113 7.69 -12.98 -20.05
CA GLU A 113 8.81 -12.96 -20.97
C GLU A 113 9.99 -12.26 -20.30
N GLN A 114 11.16 -12.23 -20.95
CA GLN A 114 12.29 -11.48 -20.42
C GLN A 114 11.97 -9.98 -20.48
N GLN A 115 12.69 -9.19 -19.68
CA GLN A 115 12.63 -7.75 -19.80
C GLN A 115 13.09 -7.36 -21.20
N SER A 116 12.43 -6.35 -21.78
CA SER A 116 12.83 -5.82 -23.08
C SER A 116 14.32 -5.46 -23.07
N PRO A 117 15.09 -5.98 -24.04
CA PRO A 117 16.51 -5.60 -24.09
C PRO A 117 16.70 -4.10 -24.32
N ASP A 118 15.70 -3.42 -24.96
CA ASP A 118 15.79 -2.00 -25.18
C ASP A 118 15.70 -1.23 -23.86
N ILE A 119 14.84 -1.68 -22.95
CA ILE A 119 14.77 -1.09 -21.62
C ILE A 119 16.06 -1.42 -20.87
N ALA A 120 16.48 -2.69 -20.90
CA ALA A 120 17.68 -3.09 -20.15
C ALA A 120 18.90 -2.27 -20.54
N GLN A 121 19.13 -2.10 -21.85
CA GLN A 121 20.29 -1.34 -22.29
C GLN A 121 20.23 0.13 -21.89
N GLY A 122 19.03 0.69 -21.81
CA GLY A 122 18.89 2.10 -21.48
C GLY A 122 18.85 2.40 -20.00
N VAL A 123 18.64 1.40 -19.18
CA VAL A 123 18.49 1.58 -17.75
C VAL A 123 19.68 1.09 -16.95
N HIS A 124 20.11 -0.16 -17.13
CA HIS A 124 21.05 -0.74 -16.21
C HIS A 124 22.22 -1.50 -16.81
N LEU A 125 22.14 -1.91 -18.07
CA LEU A 125 23.26 -2.67 -18.63
C LEU A 125 24.54 -1.86 -18.68
N ASP A 126 25.64 -2.43 -18.18
CA ASP A 126 26.93 -1.77 -18.18
C ASP A 126 26.91 -0.46 -17.43
N ARG A 127 26.10 -0.36 -16.35
CA ARG A 127 26.09 0.83 -15.55
C ARG A 127 26.52 0.51 -14.14
N ASN A 128 27.29 1.42 -13.53
CA ASN A 128 27.64 1.31 -12.12
C ASN A 128 26.34 1.33 -11.31
N GLU A 129 26.19 0.47 -10.30
CA GLU A 129 24.91 0.40 -9.56
C GLU A 129 24.41 1.76 -9.07
N GLU A 130 25.29 2.56 -8.45
CA GLU A 130 24.85 3.86 -7.96
C GLU A 130 24.34 4.77 -9.08
N ASP A 131 24.80 4.53 -10.30
CA ASP A 131 24.52 5.34 -11.47
C ASP A 131 23.53 4.68 -12.43
N ILE A 132 22.77 3.67 -11.97
CA ILE A 132 21.74 3.08 -12.83
CA ILE A 132 21.74 3.05 -12.80
C ILE A 132 20.68 4.12 -13.11
N GLY A 133 20.11 4.07 -14.29
CA GLY A 133 19.06 5.01 -14.63
C GLY A 133 17.76 4.61 -13.98
N ALA A 134 16.85 5.58 -13.80
CA ALA A 134 15.50 5.25 -13.41
C ALA A 134 14.91 4.24 -14.43
N GLY A 135 14.15 3.27 -13.95
CA GLY A 135 13.59 2.25 -14.83
C GLY A 135 12.44 2.73 -15.70
N ASP A 136 11.98 3.95 -15.47
CA ASP A 136 10.91 4.56 -16.23
C ASP A 136 10.92 6.04 -15.89
N GLN A 137 10.20 6.83 -16.69
CA GLN A 137 9.89 8.18 -16.27
C GLN A 137 8.76 8.08 -15.20
N GLY A 138 8.42 9.19 -14.60
CA GLY A 138 7.26 9.29 -13.74
C GLY A 138 7.43 10.27 -12.62
N LEU A 139 6.34 10.46 -11.89
CA LEU A 139 6.30 11.35 -10.75
C LEU A 139 5.83 10.54 -9.56
N MET A 140 6.28 10.93 -8.37
CA MET A 140 5.98 10.20 -7.12
C MET A 140 5.89 11.21 -6.00
N PHE A 141 5.07 10.89 -5.00
CA PHE A 141 4.94 11.76 -3.83
C PHE A 141 5.14 11.00 -2.56
N GLY A 142 5.66 11.72 -1.57
CA GLY A 142 5.74 11.28 -0.19
C GLY A 142 4.92 12.21 0.67
N TYR A 143 4.35 11.69 1.74
CA TYR A 143 3.54 12.49 2.64
C TYR A 143 3.73 12.03 4.06
N ALA A 144 3.62 12.96 5.00
CA ALA A 144 3.63 12.62 6.42
C ALA A 144 2.82 13.65 7.17
N THR A 145 2.17 13.21 8.25
CA THR A 145 1.33 14.06 9.09
C THR A 145 1.55 13.66 10.54
N ASP A 146 1.70 14.63 11.42
CA ASP A 146 1.92 14.35 12.84
C ASP A 146 0.65 13.96 13.60
N GLU A 147 -0.47 13.78 12.93
CA GLU A 147 -1.72 13.46 13.62
C GLU A 147 -1.71 12.12 14.32
N THR A 148 -0.86 11.18 13.89
CA THR A 148 -0.68 9.89 14.55
C THR A 148 0.82 9.70 14.79
N GLU A 149 1.19 8.81 15.73
CA GLU A 149 2.60 8.55 16.01
C GLU A 149 3.33 8.05 14.76
N GLU A 150 2.67 7.18 14.01
CA GLU A 150 3.25 6.63 12.79
C GLU A 150 3.25 7.59 11.61
N CYS A 151 2.78 8.81 11.81
CA CYS A 151 2.82 9.86 10.82
C CYS A 151 1.97 9.58 9.59
N MET A 152 0.80 8.96 9.84
CA MET A 152 -0.18 8.62 8.82
C MET A 152 -1.53 9.25 9.14
N PRO A 153 -2.35 9.49 8.12
CA PRO A 153 -3.72 9.98 8.38
C PRO A 153 -4.53 8.97 9.17
N LEU A 154 -5.27 9.44 10.17
CA LEU A 154 -6.12 8.55 10.97
C LEU A 154 -7.16 7.82 10.14
N THR A 155 -7.73 8.49 9.12
CA THR A 155 -8.74 7.84 8.27
C THR A 155 -8.26 6.52 7.68
N ILE A 156 -7.07 6.54 7.10
CA ILE A 156 -6.55 5.34 6.44
C ILE A 156 -6.06 4.32 7.45
N VAL A 157 -5.46 4.76 8.58
CA VAL A 157 -5.02 3.83 9.60
C VAL A 157 -6.21 3.03 10.14
N LEU A 158 -7.31 3.74 10.49
CA LEU A 158 -8.48 3.04 10.99
C LEU A 158 -9.08 2.11 9.95
N ALA A 159 -9.15 2.56 8.69
CA ALA A 159 -9.70 1.71 7.64
C ALA A 159 -8.89 0.41 7.49
N HIS A 160 -7.56 0.52 7.50
CA HIS A 160 -6.72 -0.70 7.42
C HIS A 160 -6.95 -1.61 8.62
N LYS A 161 -6.98 -1.01 9.83
CA LYS A 161 -7.13 -1.82 11.04
C LYS A 161 -8.48 -2.55 11.08
N LEU A 162 -9.53 -1.97 10.49
CA LEU A 162 -10.82 -2.65 10.44
C LEU A 162 -10.72 -3.91 9.57
N ASN A 163 -10.01 -3.82 8.43
CA ASN A 163 -9.81 -5.02 7.61
C ASN A 163 -8.97 -6.04 8.32
N ALA A 164 -7.90 -5.60 9.00
CA ALA A 164 -7.03 -6.53 9.73
C ALA A 164 -7.81 -7.25 10.82
N LYS A 165 -8.73 -6.56 11.49
CA LYS A 165 -9.55 -7.16 12.52
C LYS A 165 -10.46 -8.22 11.96
N LEU A 166 -11.06 -7.95 10.80
CA LEU A 166 -11.88 -8.98 10.14
C LEU A 166 -11.05 -10.23 9.86
N ALA A 167 -9.84 -10.06 9.31
CA ALA A 167 -9.00 -11.23 9.03
C ALA A 167 -8.61 -11.98 10.30
N GLU A 168 -8.37 -11.25 11.39
CA GLU A 168 -8.01 -11.86 12.65
C GLU A 168 -9.15 -12.73 13.17
N LEU A 169 -10.38 -12.20 13.14
CA LEU A 169 -11.55 -12.92 13.65
C LEU A 169 -11.97 -14.07 12.74
N ARG A 170 -11.65 -13.97 11.44
CA ARG A 170 -11.84 -15.06 10.52
C ARG A 170 -10.83 -16.17 10.88
N ARG A 171 -9.56 -15.81 10.96
CA ARG A 171 -8.51 -16.80 11.20
C ARG A 171 -8.56 -17.45 12.56
N ASN A 172 -9.06 -16.75 13.58
CA ASN A 172 -9.12 -17.36 14.91
C ASN A 172 -10.43 -18.12 15.16
N GLY A 173 -11.34 -18.14 14.18
CA GLY A 173 -12.58 -18.88 14.28
C GLY A 173 -13.67 -18.24 15.09
N THR A 174 -13.45 -16.99 15.55
CA THR A 174 -14.45 -16.20 16.33
C THR A 174 -15.72 -15.98 15.47
N LEU A 175 -15.52 -15.60 14.20
CA LEU A 175 -16.60 -15.31 13.26
C LEU A 175 -16.36 -16.16 12.05
N PRO A 176 -16.72 -17.46 12.14
CA PRO A 176 -16.35 -18.39 11.06
C PRO A 176 -17.10 -18.21 9.75
N TRP A 177 -18.13 -17.39 9.75
CA TRP A 177 -18.87 -17.04 8.54
C TRP A 177 -18.13 -16.03 7.68
N LEU A 178 -17.04 -15.41 8.18
CA LEU A 178 -16.31 -14.43 7.39
C LEU A 178 -15.51 -15.10 6.30
N ARG A 179 -15.40 -14.42 5.18
CA ARG A 179 -14.59 -14.83 4.06
CA ARG A 179 -14.58 -14.81 4.05
C ARG A 179 -13.50 -13.74 3.83
N PRO A 180 -12.48 -14.01 3.00
CA PRO A 180 -11.35 -13.08 2.91
C PRO A 180 -11.56 -11.72 2.25
N ASP A 181 -12.57 -11.58 1.39
CA ASP A 181 -12.80 -10.35 0.64
C ASP A 181 -13.54 -9.33 1.51
N SER A 182 -12.95 -8.16 1.73
CA SER A 182 -13.61 -7.12 2.53
C SER A 182 -13.18 -5.75 2.06
N LYS A 183 -14.00 -4.75 2.40
CA LYS A 183 -13.70 -3.34 2.16
C LYS A 183 -14.20 -2.59 3.38
N THR A 184 -13.50 -1.49 3.70
CA THR A 184 -13.90 -0.60 4.80
C THR A 184 -13.74 0.84 4.35
N GLN A 185 -14.39 1.77 5.04
CA GLN A 185 -14.28 3.18 4.68
C GLN A 185 -14.58 3.98 5.93
N VAL A 186 -13.74 4.98 6.20
CA VAL A 186 -13.86 5.80 7.39
C VAL A 186 -13.85 7.26 7.02
N THR A 187 -14.82 8.00 7.54
CA THR A 187 -14.91 9.44 7.40
C THR A 187 -14.66 10.05 8.76
N VAL A 188 -13.67 10.94 8.86
CA VAL A 188 -13.35 11.64 10.10
C VAL A 188 -13.58 13.13 9.91
N GLN A 189 -14.11 13.76 10.97
CA GLN A 189 -14.22 15.20 11.03
C GLN A 189 -12.94 15.69 11.69
N TYR A 190 -12.25 16.62 11.03
CA TYR A 190 -10.97 17.18 11.47
C TYR A 190 -11.10 18.64 11.83
N MET A 191 -10.25 19.07 12.76
CA MET A 191 -10.09 20.48 13.07
C MET A 191 -8.80 20.96 12.38
N GLN A 192 -8.89 22.11 11.70
CA GLN A 192 -7.73 22.77 11.12
C GLN A 192 -6.87 23.35 12.23
N ASP A 193 -5.56 23.18 12.16
CA ASP A 193 -4.65 23.68 13.18
C ASP A 193 -3.38 24.20 12.55
N ARG A 194 -3.42 25.43 12.02
CA ARG A 194 -2.26 26.10 11.45
C ARG A 194 -1.57 25.25 10.37
N GLY A 195 -2.38 24.65 9.50
CA GLY A 195 -1.87 23.82 8.42
C GLY A 195 -1.88 22.35 8.74
N ALA A 196 -1.74 22.01 10.02
CA ALA A 196 -1.82 20.64 10.48
C ALA A 196 -3.30 20.28 10.72
N VAL A 197 -3.60 19.00 10.98
CA VAL A 197 -4.97 18.58 11.18
C VAL A 197 -5.09 17.79 12.47
N LEU A 198 -6.24 17.93 13.14
CA LEU A 198 -6.49 17.24 14.39
C LEU A 198 -7.79 16.47 14.29
N PRO A 199 -7.76 15.15 14.42
CA PRO A 199 -9.00 14.38 14.33
C PRO A 199 -9.93 14.72 15.50
N ILE A 200 -11.23 14.90 15.24
CA ILE A 200 -12.24 15.18 16.25
C ILE A 200 -13.12 13.96 16.49
N ARG A 201 -13.70 13.39 15.44
CA ARG A 201 -14.65 12.31 15.60
C ARG A 201 -14.78 11.54 14.32
N VAL A 202 -15.23 10.31 14.44
CA VAL A 202 -15.58 9.48 13.30
C VAL A 202 -17.03 9.75 12.93
N HIS A 203 -17.23 10.23 11.72
CA HIS A 203 -18.51 10.63 11.19
C HIS A 203 -19.30 9.46 10.58
N THR A 204 -18.61 8.63 9.79
CA THR A 204 -19.23 7.48 9.11
C THR A 204 -18.25 6.35 9.00
N ILE A 205 -18.74 5.11 9.18
CA ILE A 205 -17.97 3.90 8.90
C ILE A 205 -18.78 3.01 7.96
N VAL A 206 -18.10 2.50 6.93
CA VAL A 206 -18.64 1.46 6.06
C VAL A 206 -17.83 0.20 6.27
N ILE A 207 -18.51 -0.95 6.35
CA ILE A 207 -17.85 -2.24 6.28
C ILE A 207 -18.65 -3.15 5.40
N SER A 208 -18.01 -3.74 4.39
CA SER A 208 -18.61 -4.79 3.57
C SER A 208 -17.68 -5.97 3.59
N VAL A 209 -18.19 -7.17 3.89
CA VAL A 209 -17.34 -8.35 3.93
C VAL A 209 -18.06 -9.58 3.43
N GLN A 210 -17.36 -10.38 2.62
CA GLN A 210 -17.92 -11.60 2.08
C GLN A 210 -18.20 -12.57 3.22
N HIS A 211 -19.30 -13.31 3.07
CA HIS A 211 -19.78 -14.17 4.14
C HIS A 211 -20.42 -15.45 3.61
N ASP A 212 -20.59 -16.42 4.50
CA ASP A 212 -21.21 -17.67 4.13
C ASP A 212 -22.72 -17.56 3.96
N GLU A 213 -23.32 -18.59 3.37
CA GLU A 213 -24.74 -18.64 3.07
C GLU A 213 -25.65 -18.72 4.29
N GLU A 214 -25.13 -19.15 5.42
CA GLU A 214 -25.95 -19.40 6.59
C GLU A 214 -26.19 -18.22 7.51
N VAL A 215 -25.23 -17.30 7.66
CA VAL A 215 -25.37 -16.23 8.62
C VAL A 215 -26.34 -15.15 8.14
N CYS A 216 -27.17 -14.62 9.03
CA CYS A 216 -28.14 -13.58 8.64
C CYS A 216 -27.55 -12.18 8.80
N LEU A 217 -28.16 -11.25 8.11
CA LEU A 217 -27.75 -9.87 8.14
C LEU A 217 -27.68 -9.27 9.53
N ASP A 218 -28.69 -9.51 10.39
CA ASP A 218 -28.66 -8.93 11.74
C ASP A 218 -27.48 -9.46 12.56
N GLU A 219 -27.18 -10.76 12.45
CA GLU A 219 -26.04 -11.31 13.17
C GLU A 219 -24.75 -10.65 12.69
N MET A 220 -24.64 -10.43 11.36
CA MET A 220 -23.44 -9.82 10.83
C MET A 220 -23.31 -8.38 11.29
N ARG A 221 -24.41 -7.60 11.21
CA ARG A 221 -24.33 -6.20 11.59
CA ARG A 221 -24.32 -6.19 11.58
C ARG A 221 -23.98 -6.02 13.05
N ASP A 222 -24.55 -6.86 13.90
CA ASP A 222 -24.25 -6.79 15.32
C ASP A 222 -22.76 -7.12 15.57
N ALA A 223 -22.26 -8.17 14.93
CA ALA A 223 -20.84 -8.54 15.11
C ALA A 223 -19.91 -7.48 14.57
N LEU A 224 -20.26 -6.88 13.43
CA LEU A 224 -19.40 -5.84 12.86
C LEU A 224 -19.30 -4.63 13.77
N LYS A 225 -20.39 -4.28 14.44
CA LYS A 225 -20.34 -3.15 15.35
C LYS A 225 -19.60 -3.52 16.64
N GLU A 226 -19.97 -4.63 17.29
CA GLU A 226 -19.46 -4.96 18.59
C GLU A 226 -18.08 -5.58 18.60
N LYS A 227 -17.79 -6.46 17.68
CA LYS A 227 -16.54 -7.20 17.68
C LYS A 227 -15.49 -6.66 16.74
N VAL A 228 -15.89 -5.82 15.78
CA VAL A 228 -14.95 -5.24 14.83
C VAL A 228 -14.75 -3.77 15.12
N ILE A 229 -15.77 -2.92 14.91
CA ILE A 229 -15.61 -1.48 15.14
C ILE A 229 -15.19 -1.17 16.56
N LYS A 230 -15.90 -1.71 17.55
CA LYS A 230 -15.55 -1.38 18.94
C LYS A 230 -14.18 -1.89 19.33
N ALA A 231 -13.70 -2.95 18.69
CA ALA A 231 -12.38 -3.49 18.98
C ALA A 231 -11.25 -2.73 18.29
N VAL A 232 -11.57 -1.77 17.41
CA VAL A 232 -10.58 -1.03 16.65
C VAL A 232 -10.62 0.47 16.91
N VAL A 233 -11.81 1.06 16.85
CA VAL A 233 -11.95 2.51 16.91
C VAL A 233 -12.15 2.96 18.31
N PRO A 234 -11.30 3.83 18.84
CA PRO A 234 -11.51 4.32 20.22
C PRO A 234 -12.90 4.93 20.41
N ALA A 235 -13.52 4.62 21.53
CA ALA A 235 -14.87 5.10 21.85
C ALA A 235 -14.95 6.61 21.84
N LYS A 236 -13.87 7.30 22.17
CA LYS A 236 -13.89 8.77 22.17
C LYS A 236 -14.22 9.36 20.81
N TYR A 237 -14.01 8.61 19.72
CA TYR A 237 -14.33 9.11 18.39
C TYR A 237 -15.75 8.79 17.94
N LEU A 238 -16.45 7.92 18.65
CA LEU A 238 -17.77 7.47 18.25
C LEU A 238 -18.82 8.09 19.11
N ASP A 239 -19.89 8.60 18.51
CA ASP A 239 -20.96 9.23 19.30
C ASP A 239 -22.33 8.91 18.74
N GLU A 240 -23.38 9.54 19.30
CA GLU A 240 -24.74 9.30 18.84
C GLU A 240 -25.00 9.66 17.39
N ASP A 241 -24.18 10.54 16.82
CA ASP A 241 -24.37 10.95 15.44
C ASP A 241 -23.60 10.08 14.45
N THR A 242 -22.67 9.23 14.91
CA THR A 242 -21.87 8.42 13.96
C THR A 242 -22.77 7.54 13.11
N ILE A 243 -22.53 7.53 11.80
CA ILE A 243 -23.33 6.75 10.87
C ILE A 243 -22.62 5.46 10.55
N TYR A 244 -23.36 4.35 10.61
CA TYR A 244 -22.81 3.04 10.33
C TYR A 244 -23.50 2.42 9.12
N HIS A 245 -22.70 2.05 8.12
CA HIS A 245 -23.20 1.33 6.93
C HIS A 245 -22.51 -0.04 6.97
N LEU A 246 -23.19 -1.02 7.57
CA LEU A 246 -22.63 -2.35 7.83
C LEU A 246 -23.32 -3.33 6.96
N GLN A 247 -22.57 -4.01 6.08
CA GLN A 247 -23.14 -4.85 5.04
C GLN A 247 -24.24 -4.08 4.25
N PRO A 248 -23.95 -2.86 3.79
CA PRO A 248 -25.00 -2.05 3.15
C PRO A 248 -25.57 -2.63 1.89
N SER A 249 -24.86 -3.55 1.21
CA SER A 249 -25.48 -4.21 0.03
C SER A 249 -26.54 -5.23 0.43
N GLY A 250 -26.54 -5.65 1.70
CA GLY A 250 -27.50 -6.64 2.16
C GLY A 250 -27.09 -8.09 1.97
N ARG A 251 -26.20 -8.39 1.02
CA ARG A 251 -25.80 -9.77 0.76
C ARG A 251 -24.51 -9.75 -0.02
N PHE A 252 -23.54 -10.55 0.43
CA PHE A 252 -22.21 -10.58 -0.14
C PHE A 252 -21.67 -12.01 0.05
N VAL A 253 -22.36 -12.98 -0.58
CA VAL A 253 -21.92 -14.39 -0.54
C VAL A 253 -20.90 -14.65 -1.63
N ILE A 254 -21.21 -14.20 -2.85
CA ILE A 254 -20.27 -14.26 -3.96
C ILE A 254 -19.23 -13.17 -3.71
N GLY A 255 -17.95 -13.53 -3.77
CA GLY A 255 -16.89 -12.56 -3.54
C GLY A 255 -15.58 -13.05 -4.08
N GLY A 256 -14.51 -12.35 -3.74
CA GLY A 256 -13.21 -12.61 -4.32
C GLY A 256 -13.25 -12.38 -5.82
N PRO A 257 -12.34 -13.04 -6.57
CA PRO A 257 -12.29 -12.86 -8.04
C PRO A 257 -13.58 -13.25 -8.73
N GLN A 258 -14.35 -14.19 -8.14
CA GLN A 258 -15.63 -14.57 -8.71
C GLN A 258 -16.60 -13.39 -8.76
N GLY A 259 -16.59 -12.55 -7.73
CA GLY A 259 -17.47 -11.39 -7.71
C GLY A 259 -16.98 -10.19 -8.50
N ASP A 260 -15.67 -10.09 -8.74
CA ASP A 260 -15.09 -8.89 -9.34
C ASP A 260 -13.68 -9.17 -9.77
N ALA A 261 -13.38 -8.99 -11.07
CA ALA A 261 -12.01 -9.20 -11.54
C ALA A 261 -11.04 -8.25 -10.87
N GLY A 262 -9.90 -8.79 -10.44
CA GLY A 262 -8.85 -8.02 -9.80
C GLY A 262 -7.61 -7.91 -10.67
N LEU A 263 -6.87 -6.83 -10.45
CA LEU A 263 -5.62 -6.57 -11.18
C LEU A 263 -4.61 -5.98 -10.24
N THR A 264 -3.33 -6.21 -10.50
CA THR A 264 -2.25 -5.57 -9.73
C THR A 264 -2.30 -4.05 -9.96
N GLY A 265 -2.09 -3.28 -8.90
CA GLY A 265 -1.95 -1.84 -9.02
C GLY A 265 -3.24 -1.08 -9.21
N ARG A 266 -4.33 -1.63 -8.71
CA ARG A 266 -5.65 -1.00 -8.75
C ARG A 266 -6.11 -0.54 -7.35
N LYS A 267 -5.19 -0.53 -6.39
CA LYS A 267 -5.49 -0.05 -5.04
C LYS A 267 -4.36 0.90 -4.61
N ILE A 268 -3.93 1.79 -5.50
CA ILE A 268 -2.74 2.60 -5.24
C ILE A 268 -2.95 3.65 -4.16
N ILE A 269 -4.21 4.07 -3.96
CA ILE A 269 -4.54 5.05 -2.94
C ILE A 269 -4.66 4.37 -1.58
N VAL A 270 -5.24 3.15 -1.54
CA VAL A 270 -5.23 2.33 -0.34
C VAL A 270 -3.77 2.00 0.07
N ASP A 271 -2.89 1.80 -0.92
CA ASP A 271 -1.49 1.44 -0.63
C ASP A 271 -0.69 2.57 -0.01
N THR A 272 -1.16 3.81 -0.14
CA THR A 272 -0.40 4.98 0.20
C THR A 272 -1.04 5.75 1.37
N TYR A 273 -1.78 6.83 1.09
CA TYR A 273 -2.26 7.73 2.13
C TYR A 273 -3.75 7.89 2.18
N GLY A 274 -4.52 7.02 1.51
CA GLY A 274 -5.98 7.12 1.60
C GLY A 274 -6.54 8.40 1.03
N GLY A 275 -5.83 8.99 0.07
CA GLY A 275 -6.28 10.18 -0.61
C GLY A 275 -5.61 11.45 -0.13
N TRP A 276 -5.03 11.41 1.07
CA TRP A 276 -4.27 12.54 1.58
C TRP A 276 -2.95 12.67 0.78
N GLY A 277 -2.28 13.80 0.94
CA GLY A 277 -1.02 14.01 0.25
C GLY A 277 -1.26 14.13 -1.24
N ALA A 278 -0.66 13.22 -2.02
CA ALA A 278 -0.82 13.19 -3.47
C ALA A 278 -0.27 11.87 -4.00
N HIS A 279 -0.58 11.56 -5.27
CA HIS A 279 -0.11 10.31 -5.86
C HIS A 279 0.27 10.57 -7.31
N GLY A 280 1.38 9.97 -7.74
CA GLY A 280 1.85 10.09 -9.12
C GLY A 280 1.33 9.07 -10.12
N GLY A 281 0.59 8.08 -9.65
CA GLY A 281 -0.06 7.11 -10.52
C GLY A 281 0.55 5.73 -10.58
N GLY A 282 1.79 5.59 -10.16
CA GLY A 282 2.47 4.30 -10.27
C GLY A 282 2.04 3.27 -9.27
N ALA A 283 2.02 2.02 -9.67
CA ALA A 283 1.73 0.89 -8.79
C ALA A 283 3.01 0.37 -8.17
N PHE A 284 2.94 -0.18 -6.98
CA PHE A 284 4.13 -0.71 -6.30
C PHE A 284 4.39 -2.17 -6.58
N SER A 285 3.37 -3.02 -6.47
CA SER A 285 3.61 -4.46 -6.39
C SER A 285 4.11 -5.07 -7.68
N GLY A 286 4.96 -6.08 -7.51
CA GLY A 286 5.51 -6.82 -8.67
C GLY A 286 6.72 -6.18 -9.32
N LYS A 287 7.31 -5.15 -8.70
CA LYS A 287 8.42 -4.41 -9.30
C LYS A 287 9.64 -4.36 -8.41
N ASP A 288 10.81 -4.60 -9.01
CA ASP A 288 12.08 -4.47 -8.32
C ASP A 288 12.46 -2.99 -8.15
N TYR A 289 13.56 -2.74 -7.43
CA TYR A 289 13.95 -1.39 -7.05
C TYR A 289 14.22 -0.44 -8.19
N THR A 290 14.61 -0.96 -9.36
CA THR A 290 14.90 -0.05 -10.47
C THR A 290 13.63 0.64 -11.00
N LYS A 291 12.46 0.13 -10.65
CA LYS A 291 11.20 0.77 -11.04
C LYS A 291 10.92 1.82 -9.96
N VAL A 292 11.23 3.07 -10.29
CA VAL A 292 11.08 4.20 -9.38
C VAL A 292 9.66 4.45 -8.93
N ASP A 293 8.64 3.90 -9.64
CA ASP A 293 7.26 3.98 -9.12
C ASP A 293 7.19 3.51 -7.67
N ARG A 294 7.97 2.49 -7.35
CA ARG A 294 8.03 1.98 -5.99
C ARG A 294 9.19 2.61 -5.18
N SER A 295 10.42 2.44 -5.60
CA SER A 295 11.55 2.88 -4.79
C SER A 295 11.55 4.37 -4.53
N ALA A 296 11.17 5.21 -5.51
CA ALA A 296 11.19 6.66 -5.24
C ALA A 296 10.02 7.08 -4.37
N ALA A 297 8.88 6.38 -4.47
CA ALA A 297 7.75 6.67 -3.57
C ALA A 297 8.13 6.27 -2.14
N TYR A 298 8.83 5.14 -1.97
CA TYR A 298 9.28 4.74 -0.63
C TYR A 298 10.28 5.78 -0.10
N ALA A 299 11.22 6.21 -0.94
CA ALA A 299 12.20 7.23 -0.51
C ALA A 299 11.51 8.56 -0.20
N ALA A 300 10.48 8.93 -0.98
CA ALA A 300 9.78 10.19 -0.70
C ALA A 300 9.01 10.10 0.62
N ARG A 301 8.43 8.95 0.94
CA ARG A 301 7.79 8.76 2.25
C ARG A 301 8.86 8.91 3.36
N TRP A 302 10.05 8.32 3.13
CA TRP A 302 11.14 8.35 4.10
C TRP A 302 11.57 9.80 4.35
N VAL A 303 11.68 10.60 3.28
CA VAL A 303 12.01 12.03 3.42
C VAL A 303 10.92 12.74 4.22
N ALA A 304 9.65 12.56 3.82
CA ALA A 304 8.54 13.24 4.49
C ALA A 304 8.49 12.89 5.97
N LYS A 305 8.59 11.61 6.30
CA LYS A 305 8.55 11.18 7.68
C LYS A 305 9.76 11.71 8.46
N SER A 306 10.92 11.79 7.82
CA SER A 306 12.11 12.34 8.45
C SER A 306 11.93 13.83 8.76
N LEU A 307 11.26 14.57 7.88
CA LEU A 307 11.03 16.00 8.12
C LEU A 307 10.08 16.19 9.29
N VAL A 308 9.05 15.35 9.42
CA VAL A 308 8.10 15.46 10.54
C VAL A 308 8.72 14.99 11.85
N LYS A 309 9.35 13.81 11.87
CA LYS A 309 9.98 13.30 13.09
C LYS A 309 11.16 14.16 13.51
N GLY A 310 11.79 14.85 12.58
CA GLY A 310 12.88 15.76 12.88
C GLY A 310 12.42 17.11 13.41
N GLY A 311 11.11 17.32 13.49
CA GLY A 311 10.55 18.55 14.04
C GLY A 311 10.58 19.75 13.12
N LEU A 312 10.81 19.53 11.83
CA LEU A 312 10.84 20.63 10.88
C LEU A 312 9.47 21.01 10.37
N CYS A 313 8.50 20.12 10.49
N CYS A 313 8.57 20.00 10.22
CA CYS A 313 7.15 20.42 10.04
CA CYS A 313 7.20 20.13 9.70
C CYS A 313 6.22 19.46 10.70
C CYS A 313 6.24 19.37 10.59
N ARG A 314 4.96 19.78 10.62
CA ARG A 314 3.92 18.93 11.19
C ARG A 314 3.23 18.11 10.08
N ARG A 315 3.25 18.60 8.82
CA ARG A 315 2.55 18.00 7.71
C ARG A 315 3.35 18.40 6.48
N VAL A 316 3.67 17.44 5.59
CA VAL A 316 4.52 17.78 4.46
C VAL A 316 4.29 16.84 3.30
N LEU A 317 4.40 17.40 2.11
CA LEU A 317 4.26 16.71 0.84
C LEU A 317 5.55 16.91 0.06
N VAL A 318 6.08 15.82 -0.53
CA VAL A 318 7.30 15.84 -1.34
C VAL A 318 6.97 15.28 -2.70
N GLN A 319 7.30 16.00 -3.79
CA GLN A 319 7.20 15.45 -5.13
C GLN A 319 8.61 15.23 -5.65
N VAL A 320 8.81 14.13 -6.37
CA VAL A 320 10.01 13.85 -7.15
C VAL A 320 9.56 13.38 -8.53
N SER A 321 10.46 13.43 -9.51
CA SER A 321 10.15 12.89 -10.83
C SER A 321 11.42 12.43 -11.50
N TYR A 322 11.30 11.55 -12.50
CA TYR A 322 12.43 10.94 -13.18
C TYR A 322 12.19 10.83 -14.67
N ALA A 323 13.27 10.57 -15.41
CA ALA A 323 13.21 10.21 -16.82
C ALA A 323 13.86 8.83 -16.93
N ILE A 324 13.31 7.95 -17.78
CA ILE A 324 13.91 6.63 -17.97
C ILE A 324 15.37 6.78 -18.41
N GLY A 325 16.25 6.03 -17.76
CA GLY A 325 17.66 6.04 -18.11
C GLY A 325 18.49 7.09 -17.41
N VAL A 326 17.87 7.98 -16.65
CA VAL A 326 18.56 9.08 -15.98
C VAL A 326 18.52 8.82 -14.48
N SER A 327 19.67 8.90 -13.81
CA SER A 327 19.70 8.55 -12.38
CA SER A 327 19.75 8.57 -12.38
C SER A 327 19.13 9.61 -11.46
N HIS A 328 19.55 10.86 -11.59
CA HIS A 328 19.06 11.91 -10.67
C HIS A 328 17.65 12.30 -10.99
N PRO A 329 16.85 12.61 -9.96
CA PRO A 329 15.50 13.13 -10.22
C PRO A 329 15.55 14.40 -11.07
N LEU A 330 14.53 14.59 -11.89
CA LEU A 330 14.38 15.77 -12.74
C LEU A 330 13.89 16.96 -11.95
N SER A 331 13.07 16.71 -10.93
CA SER A 331 12.50 17.76 -10.11
C SER A 331 12.30 17.23 -8.72
N ILE A 332 12.35 18.16 -7.74
CA ILE A 332 12.04 17.87 -6.34
C ILE A 332 11.29 19.09 -5.80
N SER A 333 10.17 18.85 -5.13
CA SER A 333 9.38 19.93 -4.57
C SER A 333 8.90 19.54 -3.18
N ILE A 334 8.78 20.55 -2.32
CA ILE A 334 8.34 20.33 -0.93
C ILE A 334 7.29 21.35 -0.57
N PHE A 335 6.15 20.88 -0.05
CA PHE A 335 5.07 21.74 0.40
C PHE A 335 4.81 21.39 1.85
N HIS A 336 4.93 22.39 2.74
CA HIS A 336 4.78 22.12 4.18
C HIS A 336 3.45 22.56 4.75
N TYR A 337 2.49 22.97 3.92
CA TYR A 337 1.14 23.32 4.37
C TYR A 337 1.11 24.46 5.37
N GLY A 338 2.19 25.25 5.45
CA GLY A 338 2.27 26.31 6.45
C GLY A 338 2.71 25.82 7.82
N THR A 339 3.23 24.57 7.93
CA THR A 339 3.59 23.98 9.21
C THR A 339 5.06 23.98 9.56
N SER A 340 5.86 24.73 8.83
CA SER A 340 7.29 24.86 9.13
C SER A 340 7.65 26.31 9.24
N GLN A 341 8.62 26.63 10.10
CA GLN A 341 9.19 27.98 10.14
C GLN A 341 10.18 28.16 8.97
N LYS A 342 10.69 27.07 8.37
CA LYS A 342 11.60 27.15 7.24
C LYS A 342 10.84 27.28 5.93
N SER A 343 11.41 27.96 4.96
CA SER A 343 10.81 28.09 3.63
C SER A 343 10.93 26.78 2.81
N GLU A 344 10.20 26.65 1.65
CA GLU A 344 10.35 25.46 0.77
CA GLU A 344 10.36 25.46 0.78
C GLU A 344 11.81 25.36 0.33
N ARG A 345 12.43 26.53 0.00
CA ARG A 345 13.82 26.56 -0.42
C ARG A 345 14.74 25.98 0.65
N GLU A 346 14.55 26.37 1.92
CA GLU A 346 15.38 25.85 3.00
C GLU A 346 15.18 24.36 3.20
N LEU A 347 13.93 23.89 3.13
CA LEU A 347 13.67 22.45 3.28
C LEU A 347 14.27 21.67 2.13
N LEU A 348 14.20 22.21 0.91
CA LEU A 348 14.82 21.56 -0.24
C LEU A 348 16.34 21.43 -0.06
N GLU A 349 16.97 22.48 0.49
CA GLU A 349 18.40 22.44 0.74
C GLU A 349 18.73 21.38 1.79
N ILE A 350 17.91 21.26 2.84
CA ILE A 350 18.11 20.22 3.84
C ILE A 350 17.99 18.84 3.21
N VAL A 351 16.98 18.66 2.36
CA VAL A 351 16.82 17.37 1.70
C VAL A 351 18.01 17.04 0.78
N LYS A 352 18.51 18.05 0.05
CA LYS A 352 19.67 17.87 -0.83
C LYS A 352 20.90 17.46 -0.05
N LYS A 353 21.09 18.04 1.15
CA LYS A 353 22.26 17.71 1.94
C LYS A 353 22.16 16.36 2.63
N ASN A 354 20.93 15.82 2.80
CA ASN A 354 20.74 14.62 3.58
C ASN A 354 20.32 13.38 2.82
N PHE A 355 19.81 13.54 1.60
CA PHE A 355 19.31 12.39 0.84
C PHE A 355 19.84 12.39 -0.56
N ASP A 356 20.04 11.20 -1.11
CA ASP A 356 20.44 11.00 -2.49
C ASP A 356 19.37 10.12 -3.10
N LEU A 357 18.57 10.72 -3.98
CA LEU A 357 17.38 10.07 -4.49
C LEU A 357 17.61 9.41 -5.86
N ARG A 358 18.84 9.09 -6.18
CA ARG A 358 19.11 8.21 -7.32
C ARG A 358 18.63 6.81 -6.93
N PRO A 359 18.01 6.04 -7.83
CA PRO A 359 17.55 4.70 -7.46
C PRO A 359 18.67 3.78 -7.00
N GLY A 360 19.85 3.93 -7.57
CA GLY A 360 21.01 3.13 -7.19
C GLY A 360 21.61 3.49 -5.85
N VAL A 361 21.13 4.56 -5.21
CA VAL A 361 21.51 4.88 -3.84
C VAL A 361 20.33 4.53 -2.92
N ILE A 362 19.09 4.83 -3.32
CA ILE A 362 17.90 4.43 -2.55
C ILE A 362 17.93 2.93 -2.23
N VAL A 363 18.36 2.12 -3.20
CA VAL A 363 18.40 0.67 -2.97
C VAL A 363 19.28 0.29 -1.78
N ARG A 364 20.39 0.99 -1.62
CA ARG A 364 21.29 0.76 -0.52
C ARG A 364 20.71 1.29 0.79
N ASP A 365 20.21 2.52 0.80
CA ASP A 365 19.67 3.12 2.02
C ASP A 365 18.46 2.37 2.54
N LEU A 366 17.60 1.89 1.65
CA LEU A 366 16.35 1.24 2.05
C LEU A 366 16.38 -0.29 1.91
N ASP A 367 17.55 -0.85 1.56
CA ASP A 367 17.76 -2.29 1.50
C ASP A 367 16.76 -2.97 0.58
N LEU A 368 16.57 -2.42 -0.62
CA LEU A 368 15.48 -2.81 -1.49
C LEU A 368 15.70 -4.06 -2.31
N LYS A 369 16.79 -4.77 -2.11
CA LYS A 369 16.93 -6.10 -2.71
C LYS A 369 16.40 -7.19 -1.74
N LYS A 370 16.04 -6.81 -0.50
CA LYS A 370 15.55 -7.79 0.47
C LYS A 370 14.14 -8.26 0.14
N PRO A 371 13.89 -9.58 0.22
CA PRO A 371 12.56 -10.11 -0.14
C PRO A 371 11.51 -9.93 0.95
N ILE A 372 11.12 -8.67 1.24
CA ILE A 372 10.09 -8.36 2.22
C ILE A 372 8.85 -7.77 1.57
N TYR A 373 8.74 -7.86 0.23
CA TYR A 373 7.69 -7.14 -0.46
C TYR A 373 6.32 -7.71 -0.28
N GLN A 374 6.15 -9.04 -0.18
CA GLN A 374 4.79 -9.55 0.03
C GLN A 374 4.16 -8.97 1.32
N ARG A 375 5.01 -8.70 2.34
CA ARG A 375 4.53 -8.11 3.58
C ARG A 375 3.97 -6.71 3.39
N THR A 376 4.40 -5.98 2.35
CA THR A 376 3.90 -4.63 2.10
C THR A 376 2.58 -4.59 1.37
N ALA A 377 2.15 -5.71 0.76
CA ALA A 377 1.09 -5.73 -0.25
C ALA A 377 -0.34 -5.81 0.25
N ALA A 378 -0.55 -5.76 1.57
CA ALA A 378 -1.86 -5.56 2.15
C ALA A 378 -1.70 -4.64 3.35
N TYR A 379 -2.74 -3.86 3.66
CA TYR A 379 -2.78 -2.95 4.83
C TYR A 379 -1.89 -1.72 4.69
N GLY A 380 -1.54 -1.37 3.46
CA GLY A 380 -0.76 -0.17 3.20
C GLY A 380 0.73 -0.41 3.27
N HIS A 381 1.48 0.34 2.46
CA HIS A 381 2.93 0.21 2.43
C HIS A 381 3.61 1.07 3.50
N PHE A 382 2.87 2.02 4.07
CA PHE A 382 3.41 3.03 4.96
C PHE A 382 2.76 2.99 6.33
N GLY A 383 3.50 3.45 7.32
CA GLY A 383 3.04 3.59 8.70
C GLY A 383 3.00 2.32 9.51
N ARG A 384 3.66 1.27 9.05
CA ARG A 384 3.63 -0.04 9.71
C ARG A 384 4.98 -0.69 9.78
N ASP A 385 5.21 -1.43 10.85
CA ASP A 385 6.26 -2.43 11.01
C ASP A 385 7.69 -2.00 10.86
N SER A 386 7.96 -0.71 10.95
CA SER A 386 9.33 -0.21 10.94
C SER A 386 10.17 -0.73 9.77
N PHE A 387 9.56 -0.74 8.58
CA PHE A 387 10.31 -0.98 7.32
C PHE A 387 11.36 0.15 7.19
N PRO A 388 12.41 0.00 6.37
CA PRO A 388 13.44 1.04 6.35
C PRO A 388 12.95 2.45 6.05
N TRP A 389 11.94 2.58 5.19
CA TRP A 389 11.41 3.90 4.82
C TRP A 389 10.59 4.55 5.95
N GLU A 390 10.31 3.79 7.01
CA GLU A 390 9.58 4.26 8.18
C GLU A 390 10.51 4.63 9.33
N VAL A 391 11.82 4.42 9.19
CA VAL A 391 12.77 4.75 10.25
C VAL A 391 13.37 6.07 9.85
N PRO A 392 13.07 7.16 10.56
CA PRO A 392 13.54 8.47 10.07
C PRO A 392 15.04 8.61 10.03
N LYS A 393 15.52 9.38 9.08
CA LYS A 393 16.94 9.71 9.03
C LYS A 393 17.16 10.93 9.91
N LYS A 394 18.22 10.89 10.72
CA LYS A 394 18.64 12.04 11.54
C LYS A 394 19.22 13.06 10.58
N LEU A 395 18.63 14.26 10.59
CA LEU A 395 19.02 15.29 9.63
C LEU A 395 20.11 16.21 10.14
N LYS A 396 21.04 16.54 9.27
CA LYS A 396 22.14 17.45 9.58
C LYS A 396 21.93 18.75 8.83
N TYR A 397 21.92 19.88 9.56
CA TYR A 397 21.75 21.23 9.01
C TYR A 397 22.15 22.31 10.01
#